data_3E1S
#
_entry.id   3E1S
#
_cell.length_a   54.630
_cell.length_b   89.630
_cell.length_c   131.710
_cell.angle_alpha   90.00
_cell.angle_beta   90.00
_cell.angle_gamma   90.00
#
_symmetry.space_group_name_H-M   'P 21 21 21'
#
loop_
_entity.id
_entity.type
_entity.pdbx_description
1 polymer 'Exodeoxyribonuclease V, subunit RecD'
2 water water
#
_entity_poly.entity_id   1
_entity_poly.type   'polypeptide(L)'
_entity_poly.pdbx_seq_one_letter_code
;MSQQGLERRLLAGLQGLGLTINQAQRAVKHFGADALDRLEKDLFTLTEVEGIGFLTADKLWQARGGALDDPRRLTAAAVY
ALQLAGTQAGHSFLPRSRAEKGVVHYTRVTPGQARLAVETAVELGRLSEDDSPLFAAEAAATGEGRIYLPHVLRAEKKLA
SLIRTLLATPPADGAGNDDWAVPKKARKGLSEEQASVLDQLAGHRLVVLTGGPGTGKSTTTKAVADLAESLGLEVGLCAP
TGKAARRLGEVTGRTASTVHRLLGYGPQGFRHNHLEPAPYDLLIVDEVSMMGDALMLSLLAAVPPGARVLLVGDTDQLPP
VDAGLPLLALAQAAPTIKLTQVYRQAAKNPIIQAAHGLLHGEAPAWGDKRLNLTEIEPDGGARRVALMVRELGGPGAVQV
LTPMRKGPLGMDHLNYHLQALFNPGEGGVRIAEGEARPGDTVVQTKNDYNNEIFNGTLGMVLKAEGARLTVDFDGNVVEL
TGAELFNLQLGYALTVHRAQGSEWGTVLGVLHEAHMPMLSRNLVYTALTRARDRFFSAGSASAWQIAAARQREARNTALL
ERIRAHLEHHHHHH
;
_entity_poly.pdbx_strand_id   A
#
# COMPACT_ATOMS: atom_id res chain seq x y z
N PHE A 44 27.83 4.94 14.93
CA PHE A 44 26.36 4.95 15.16
C PHE A 44 25.63 5.96 14.26
N THR A 45 26.38 6.92 13.74
CA THR A 45 25.87 7.86 12.74
C THR A 45 25.44 7.14 11.45
N LEU A 46 25.88 5.89 11.29
CA LEU A 46 25.39 5.02 10.22
C LEU A 46 23.91 4.65 10.34
N THR A 47 23.30 4.94 11.50
CA THR A 47 21.85 4.68 11.73
C THR A 47 20.93 5.28 10.64
N GLU A 48 21.32 6.42 10.09
CA GLU A 48 20.43 7.22 9.25
C GLU A 48 20.70 7.04 7.76
N VAL A 49 21.95 6.82 7.38
CA VAL A 49 22.32 6.68 5.97
C VAL A 49 21.66 5.42 5.37
N GLU A 50 20.93 5.60 4.27
CA GLU A 50 20.09 4.55 3.71
C GLU A 50 20.87 3.29 3.32
N GLY A 51 20.48 2.17 3.93
CA GLY A 51 21.17 0.88 3.74
C GLY A 51 21.57 0.34 5.09
N ILE A 52 22.67 0.87 5.63
CA ILE A 52 23.19 0.46 6.94
C ILE A 52 22.30 1.07 8.01
N GLY A 53 22.35 0.54 9.23
CA GLY A 53 21.51 1.04 10.32
C GLY A 53 22.06 0.86 11.72
N PHE A 54 21.17 0.95 12.69
CA PHE A 54 21.51 0.77 14.10
C PHE A 54 21.76 -0.71 14.38
N LEU A 55 20.85 -1.56 13.90
CA LEU A 55 20.96 -3.01 13.99
C LEU A 55 22.41 -3.49 13.96
N THR A 56 23.07 -3.27 12.83
CA THR A 56 24.42 -3.78 12.59
C THR A 56 25.46 -2.96 13.34
N ALA A 57 25.27 -1.65 13.38
CA ALA A 57 26.20 -0.74 14.07
C ALA A 57 26.26 -0.98 15.59
N ASP A 58 25.21 -1.58 16.15
CA ASP A 58 25.16 -1.91 17.57
C ASP A 58 25.99 -3.15 17.92
N LYS A 59 25.70 -4.27 17.26
CA LYS A 59 26.41 -5.53 17.52
C LYS A 59 27.78 -5.59 16.85
N LEU A 60 28.20 -4.45 16.27
CA LEU A 60 29.58 -4.23 15.83
C LEU A 60 30.33 -3.34 16.85
N TRP A 61 29.58 -2.53 17.59
CA TRP A 61 30.14 -1.59 18.57
C TRP A 61 30.49 -2.27 19.88
N ASP A 69 27.36 1.57 25.78
CA ASP A 69 26.63 2.29 26.83
C ASP A 69 26.94 3.80 26.78
N ASP A 70 27.33 4.29 25.62
CA ASP A 70 27.90 5.63 25.43
C ASP A 70 26.84 6.56 24.80
N PRO A 71 26.81 7.86 25.19
CA PRO A 71 25.80 8.79 24.67
C PRO A 71 25.51 8.72 23.15
N ARG A 72 26.54 8.48 22.35
CA ARG A 72 26.40 8.27 20.90
C ARG A 72 25.52 7.04 20.57
N ARG A 73 25.65 5.97 21.35
CA ARG A 73 24.82 4.78 21.17
C ARG A 73 23.37 5.08 21.53
N LEU A 74 23.18 5.77 22.65
CA LEU A 74 21.86 6.04 23.20
C LEU A 74 21.04 6.97 22.32
N THR A 75 21.61 8.10 21.93
CA THR A 75 20.87 9.05 21.11
C THR A 75 20.44 8.40 19.79
N ALA A 76 21.26 7.49 19.26
CA ALA A 76 20.95 6.75 18.02
C ALA A 76 19.92 5.66 18.24
N ALA A 77 19.88 5.10 19.44
CA ALA A 77 18.87 4.11 19.79
C ALA A 77 17.51 4.77 19.90
N ALA A 78 17.49 6.06 20.22
CA ALA A 78 16.28 6.89 20.16
C ALA A 78 15.81 7.03 18.72
N VAL A 79 16.72 7.44 17.83
CA VAL A 79 16.43 7.51 16.40
C VAL A 79 15.90 6.17 15.92
N TYR A 80 16.52 5.09 16.39
CA TYR A 80 16.15 3.72 16.02
C TYR A 80 14.77 3.30 16.52
N ALA A 81 14.42 3.72 17.72
CA ALA A 81 13.10 3.43 18.28
C ALA A 81 12.00 4.02 17.40
N LEU A 82 12.25 5.21 16.86
CA LEU A 82 11.29 5.86 15.98
C LEU A 82 11.21 5.19 14.64
N GLN A 83 12.38 4.85 14.09
CA GLN A 83 12.45 4.07 12.85
C GLN A 83 11.63 2.78 12.92
N LEU A 84 11.76 2.05 14.02
CA LEU A 84 11.00 0.80 14.24
C LEU A 84 9.51 1.10 14.35
N ALA A 85 9.16 2.25 14.93
CA ALA A 85 7.77 2.75 14.98
C ALA A 85 7.14 2.82 13.59
N GLY A 86 7.83 3.48 12.68
CA GLY A 86 7.38 3.55 11.29
C GLY A 86 7.30 2.20 10.62
N THR A 87 8.33 1.38 10.84
CA THR A 87 8.49 0.09 10.15
C THR A 87 7.45 -0.96 10.56
N GLN A 88 7.22 -1.07 11.87
CA GLN A 88 6.37 -2.12 12.40
C GLN A 88 4.91 -1.71 12.45
N ALA A 89 4.66 -0.54 13.03
CA ALA A 89 3.30 -0.09 13.29
C ALA A 89 2.86 1.04 12.36
N GLY A 90 3.78 1.58 11.59
CA GLY A 90 3.44 2.60 10.59
C GLY A 90 3.15 3.96 11.19
N HIS A 91 3.65 4.18 12.41
CA HIS A 91 3.51 5.45 13.11
C HIS A 91 4.36 6.53 12.48
N SER A 92 3.80 7.73 12.35
CA SER A 92 4.54 8.91 11.96
C SER A 92 5.26 9.53 13.17
N PHE A 93 4.79 9.22 14.37
CA PHE A 93 5.39 9.72 15.60
C PHE A 93 5.13 8.78 16.76
N LEU A 94 5.81 9.07 17.88
CA LEU A 94 5.54 8.41 19.14
C LEU A 94 5.48 9.48 20.20
N PRO A 95 4.51 9.37 21.12
CA PRO A 95 4.60 10.21 22.30
C PRO A 95 5.94 10.01 23.03
N ARG A 96 6.41 11.03 23.76
CA ARG A 96 7.73 10.95 24.38
C ARG A 96 7.92 9.66 25.18
N SER A 97 6.90 9.30 25.96
CA SER A 97 6.96 8.15 26.85
C SER A 97 7.15 6.86 26.06
N ARG A 98 6.45 6.75 24.92
CA ARG A 98 6.57 5.55 24.11
C ARG A 98 7.90 5.51 23.38
N ALA A 99 8.44 6.67 23.01
CA ALA A 99 9.80 6.76 22.45
C ALA A 99 10.84 6.25 23.45
N GLU A 100 10.75 6.75 24.69
CA GLU A 100 11.64 6.34 25.77
C GLU A 100 11.51 4.86 26.07
N LYS A 101 10.28 4.38 26.08
CA LYS A 101 10.03 2.95 26.31
C LYS A 101 10.67 2.08 25.22
N GLY A 102 10.64 2.54 23.98
CA GLY A 102 11.31 1.84 22.89
C GLY A 102 12.81 1.68 23.10
N VAL A 103 13.46 2.76 23.55
CA VAL A 103 14.91 2.76 23.81
C VAL A 103 15.28 1.74 24.91
N VAL A 104 14.44 1.66 25.93
CA VAL A 104 14.58 0.67 27.00
C VAL A 104 14.43 -0.74 26.44
N HIS A 105 13.41 -0.97 25.63
CA HIS A 105 13.20 -2.26 24.99
C HIS A 105 14.37 -2.67 24.10
N TYR A 106 14.74 -1.80 23.17
CA TYR A 106 15.65 -2.16 22.07
C TYR A 106 17.15 -2.03 22.42
N THR A 107 17.46 -1.43 23.58
CA THR A 107 18.85 -1.31 24.07
C THR A 107 19.04 -1.65 25.56
N ARG A 108 17.94 -1.76 26.31
CA ARG A 108 17.94 -2.22 27.70
C ARG A 108 18.72 -1.34 28.67
N VAL A 109 18.68 -0.03 28.41
CA VAL A 109 19.24 0.97 29.31
C VAL A 109 18.22 1.26 30.41
N THR A 110 18.61 2.12 31.36
CA THR A 110 17.70 2.59 32.41
C THR A 110 16.77 3.65 31.80
N PRO A 111 15.64 3.94 32.47
CA PRO A 111 14.68 4.91 31.92
C PRO A 111 15.17 6.36 31.90
N GLY A 112 16.10 6.70 32.80
CA GLY A 112 16.74 8.01 32.78
C GLY A 112 17.73 8.12 31.65
N GLN A 113 18.42 7.02 31.36
CA GLN A 113 19.27 6.94 30.17
C GLN A 113 18.43 7.04 28.89
N ALA A 114 17.27 6.39 28.89
CA ALA A 114 16.33 6.48 27.76
C ALA A 114 15.77 7.90 27.63
N ARG A 115 15.49 8.54 28.75
CA ARG A 115 15.06 9.95 28.76
C ARG A 115 16.15 10.88 28.21
N LEU A 116 17.37 10.72 28.70
CA LEU A 116 18.49 11.50 28.22
C LEU A 116 18.71 11.27 26.72
N ALA A 117 18.61 10.02 26.29
CA ALA A 117 18.81 9.63 24.88
C ALA A 117 17.86 10.37 23.95
N VAL A 118 16.57 10.35 24.29
CA VAL A 118 15.55 11.04 23.50
C VAL A 118 15.76 12.54 23.52
N GLU A 119 16.05 13.07 24.72
CA GLU A 119 16.34 14.48 24.89
C GLU A 119 17.59 14.90 24.11
N THR A 120 18.64 14.09 24.16
CA THR A 120 19.85 14.35 23.39
C THR A 120 19.62 14.30 21.88
N ALA A 121 18.82 13.33 21.44
CA ALA A 121 18.44 13.21 20.03
C ALA A 121 17.67 14.44 19.54
N VAL A 122 16.77 14.95 20.37
CA VAL A 122 16.01 16.14 20.01
C VAL A 122 16.95 17.35 19.86
N GLU A 123 17.70 17.66 20.91
CA GLU A 123 18.57 18.84 20.87
C GLU A 123 19.67 18.80 19.78
N LEU A 124 19.95 17.62 19.24
CA LEU A 124 20.94 17.46 18.17
C LEU A 124 20.33 17.48 16.77
N GLY A 125 18.99 17.42 16.71
CA GLY A 125 18.26 17.52 15.44
C GLY A 125 18.06 16.19 14.75
N ARG A 126 18.41 15.10 15.46
CA ARG A 126 18.27 13.74 14.96
C ARG A 126 16.85 13.23 15.19
N LEU A 127 16.12 13.90 16.08
CA LEU A 127 14.69 13.73 16.25
C LEU A 127 14.02 15.08 16.50
N SER A 128 12.72 15.15 16.23
CA SER A 128 11.94 16.38 16.41
C SER A 128 10.88 16.21 17.52
N GLU A 129 10.78 17.16 18.47
CA GLU A 129 9.62 17.14 19.37
C GLU A 129 8.60 18.12 18.82
N ASP A 130 7.34 17.81 19.06
CA ASP A 130 6.26 18.71 18.73
C ASP A 130 5.16 18.57 19.78
N ASP A 131 4.89 19.65 20.51
CA ASP A 131 3.72 19.71 21.41
C ASP A 131 2.75 20.86 21.05
N SER A 132 2.80 21.32 19.81
CA SER A 132 1.89 22.36 19.34
C SER A 132 0.42 21.92 19.46
N PRO A 133 -0.49 22.85 19.80
CA PRO A 133 -1.89 22.47 19.87
C PRO A 133 -2.43 22.46 18.46
N LEU A 134 -2.84 21.31 17.96
CA LEU A 134 -3.11 21.25 16.53
C LEU A 134 -4.54 21.75 16.31
N PHE A 135 -5.48 20.81 16.14
CA PHE A 135 -6.89 21.16 16.11
C PHE A 135 -7.55 20.79 17.45
N ALA A 136 -7.16 19.66 18.02
CA ALA A 136 -7.76 19.12 19.26
C ALA A 136 -6.92 19.38 20.52
N ALA A 137 -5.66 19.78 20.35
CA ALA A 137 -4.78 20.09 21.48
C ALA A 137 -4.55 18.88 22.39
N ALA A 141 -3.60 18.50 25.54
CA ALA A 141 -4.20 18.17 26.84
C ALA A 141 -3.90 16.73 27.27
N THR A 142 -2.86 16.14 26.70
CA THR A 142 -2.41 14.79 27.09
C THR A 142 -1.21 14.87 28.07
N GLY A 143 -0.60 16.04 28.17
CA GLY A 143 0.57 16.24 29.02
C GLY A 143 1.84 15.66 28.42
N GLU A 144 1.85 15.48 27.09
CA GLU A 144 2.92 14.75 26.45
C GLU A 144 3.16 15.17 25.00
N GLY A 145 4.44 15.36 24.65
CA GLY A 145 4.82 15.76 23.31
C GLY A 145 4.99 14.60 22.35
N ARG A 146 5.05 14.92 21.07
CA ARG A 146 5.18 13.95 19.99
C ARG A 146 6.61 14.00 19.50
N ILE A 147 7.21 12.84 19.22
CA ILE A 147 8.54 12.87 18.61
C ILE A 147 8.54 12.13 17.28
N TYR A 148 9.28 12.69 16.32
CA TYR A 148 9.24 12.28 14.94
C TYR A 148 10.67 12.14 14.40
N LEU A 149 10.85 11.32 13.39
CA LEU A 149 12.06 11.45 12.58
C LEU A 149 11.89 12.81 11.90
N PRO A 150 12.92 13.68 11.97
CA PRO A 150 12.77 15.04 11.46
C PRO A 150 12.09 15.12 10.09
N HIS A 151 12.45 14.23 9.17
CA HIS A 151 11.94 14.30 7.81
C HIS A 151 10.50 13.84 7.71
N VAL A 152 10.04 13.10 8.73
CA VAL A 152 8.66 12.62 8.78
C VAL A 152 7.72 13.71 9.32
N LEU A 153 8.23 14.56 10.21
CA LEU A 153 7.48 15.73 10.71
C LEU A 153 7.31 16.73 9.58
N ARG A 154 8.40 16.93 8.83
CA ARG A 154 8.42 17.86 7.70
C ARG A 154 7.45 17.44 6.61
N ALA A 155 7.50 16.17 6.23
CA ALA A 155 6.61 15.64 5.22
C ALA A 155 5.16 15.83 5.63
N GLU A 156 4.85 15.49 6.88
CA GLU A 156 3.48 15.58 7.39
C GLU A 156 2.95 17.03 7.33
N LYS A 157 3.76 17.98 7.79
CA LYS A 157 3.42 19.39 7.72
C LYS A 157 3.30 19.93 6.29
N LYS A 158 4.22 19.52 5.41
CA LYS A 158 4.14 19.90 3.99
C LYS A 158 2.90 19.34 3.29
N LEU A 159 2.53 18.10 3.62
CA LEU A 159 1.36 17.44 3.02
C LEU A 159 0.09 18.12 3.45
N ALA A 160 -0.01 18.40 4.76
CA ALA A 160 -1.16 19.13 5.31
C ALA A 160 -1.30 20.52 4.68
N SER A 161 -0.16 21.18 4.49
CA SER A 161 -0.11 22.50 3.89
C SER A 161 -0.52 22.43 2.43
N LEU A 162 -0.06 21.40 1.72
CA LEU A 162 -0.41 21.18 0.32
C LEU A 162 -1.90 20.85 0.19
N ILE A 163 -2.40 20.03 1.10
CA ILE A 163 -3.81 19.65 1.05
C ILE A 163 -4.70 20.88 1.23
N ARG A 164 -4.32 21.77 2.15
CA ARG A 164 -5.15 22.92 2.47
C ARG A 164 -5.25 23.92 1.31
N THR A 165 -4.14 24.13 0.59
CA THR A 165 -4.15 25.10 -0.49
C THR A 165 -5.02 24.54 -1.62
N LEU A 166 -4.89 23.24 -1.88
CA LEU A 166 -5.75 22.52 -2.83
C LEU A 166 -7.23 22.63 -2.51
N LEU A 167 -7.58 22.53 -1.23
CA LEU A 167 -8.97 22.63 -0.79
C LEU A 167 -9.47 24.07 -0.77
N ALA A 168 -8.57 25.03 -0.52
CA ALA A 168 -8.93 26.43 -0.34
C ALA A 168 -8.84 27.27 -1.62
N THR A 169 -8.39 26.67 -2.72
CA THR A 169 -8.28 27.34 -4.01
C THR A 169 -9.18 26.70 -5.06
N PRO A 170 -9.76 27.48 -5.98
CA PRO A 170 -10.58 26.91 -7.06
C PRO A 170 -9.75 26.46 -8.27
N PRO A 171 -10.30 25.55 -9.10
CA PRO A 171 -9.61 25.19 -10.33
C PRO A 171 -9.61 26.30 -11.40
N ALA A 172 -8.49 26.44 -12.10
CA ALA A 172 -8.38 27.36 -13.24
C ALA A 172 -7.00 27.28 -13.91
N ASP A 173 -6.87 27.91 -15.07
CA ASP A 173 -5.61 27.97 -15.82
C ASP A 173 -4.99 29.35 -15.67
N ALA A 175 -6.02 32.03 -15.50
CA ALA A 175 -6.24 33.18 -14.62
C ALA A 175 -7.30 32.86 -13.55
N GLY A 176 -8.50 32.54 -14.03
CA GLY A 176 -9.64 32.27 -13.15
C GLY A 176 -10.82 31.79 -13.97
N ASN A 177 -10.54 30.79 -14.80
CA ASN A 177 -11.46 30.28 -15.80
C ASN A 177 -12.34 29.16 -15.26
N ASP A 178 -13.36 28.81 -16.05
CA ASP A 178 -14.21 27.64 -15.79
C ASP A 178 -14.05 26.64 -16.94
N ASP A 179 -15.09 26.50 -17.77
CA ASP A 179 -15.10 25.48 -18.85
C ASP A 179 -14.94 24.06 -18.28
N TRP A 180 -15.58 23.83 -17.14
CA TRP A 180 -15.89 22.48 -16.69
C TRP A 180 -17.40 22.46 -16.48
N ALA A 181 -18.11 21.87 -17.44
CA ALA A 181 -19.57 21.82 -17.42
C ALA A 181 -20.06 20.37 -17.32
N VAL A 182 -21.24 20.22 -16.73
CA VAL A 182 -21.82 18.92 -16.43
C VAL A 182 -23.11 18.64 -17.24
N PRO A 183 -22.96 18.18 -18.50
CA PRO A 183 -24.15 17.84 -19.30
C PRO A 183 -24.88 16.59 -18.79
N LYS A 184 -26.17 16.47 -19.12
CA LYS A 184 -26.94 15.28 -18.77
C LYS A 184 -26.43 14.04 -19.53
N LYS A 185 -25.76 14.26 -20.66
CA LYS A 185 -25.04 13.21 -21.39
C LYS A 185 -23.82 12.68 -20.61
N ALA A 186 -23.22 13.52 -19.78
CA ALA A 186 -22.05 13.12 -18.99
C ALA A 186 -22.44 12.19 -17.83
N ARG A 187 -23.67 12.31 -17.32
CA ARG A 187 -24.14 11.50 -16.19
C ARG A 187 -25.03 10.34 -16.65
N LYS A 188 -24.63 9.74 -17.77
CA LYS A 188 -25.42 8.73 -18.46
C LYS A 188 -25.16 7.38 -17.80
N GLY A 189 -26.19 6.83 -17.17
CA GLY A 189 -26.07 5.53 -16.51
C GLY A 189 -25.17 5.60 -15.28
N LEU A 190 -25.25 6.73 -14.58
CA LEU A 190 -24.59 6.92 -13.30
C LEU A 190 -25.69 7.10 -12.25
N SER A 191 -25.36 6.79 -11.00
CA SER A 191 -26.29 6.96 -9.89
C SER A 191 -26.16 8.36 -9.34
N GLU A 192 -27.02 8.69 -8.39
CA GLU A 192 -27.01 9.99 -7.73
C GLU A 192 -25.60 10.28 -7.22
N GLU A 193 -24.98 9.27 -6.60
CA GLU A 193 -23.66 9.40 -5.97
C GLU A 193 -22.52 9.53 -6.98
N GLN A 194 -22.49 8.61 -7.94
CA GLN A 194 -21.41 8.52 -8.94
C GLN A 194 -21.36 9.80 -9.77
N ALA A 195 -22.55 10.30 -10.13
CA ALA A 195 -22.69 11.58 -10.84
C ALA A 195 -22.20 12.75 -9.99
N SER A 196 -22.49 12.72 -8.69
CA SER A 196 -22.10 13.81 -7.79
C SER A 196 -20.59 14.05 -7.79
N VAL A 197 -19.81 13.07 -8.20
CA VAL A 197 -18.37 13.24 -8.38
C VAL A 197 -18.07 14.26 -9.48
N LEU A 198 -18.88 14.27 -10.54
CA LEU A 198 -18.70 15.23 -11.64
C LEU A 198 -19.08 16.65 -11.19
N ASP A 199 -20.09 16.76 -10.28
CA ASP A 199 -20.53 18.05 -9.72
C ASP A 199 -19.55 18.59 -8.71
N GLN A 200 -19.03 17.70 -7.87
CA GLN A 200 -18.05 18.08 -6.85
C GLN A 200 -16.79 18.61 -7.53
N LEU A 201 -16.41 17.97 -8.68
CA LEU A 201 -15.19 18.38 -9.40
C LEU A 201 -15.37 19.83 -9.93
N ALA A 202 -16.63 20.21 -10.19
CA ALA A 202 -16.94 21.58 -10.66
C ALA A 202 -16.67 22.54 -9.50
N GLY A 203 -15.57 23.26 -9.64
CA GLY A 203 -15.14 24.23 -8.63
C GLY A 203 -14.63 23.51 -7.38
N HIS A 204 -13.98 22.31 -7.43
CA HIS A 204 -13.05 21.83 -6.40
C HIS A 204 -11.87 21.14 -7.07
N ARG A 205 -10.67 21.47 -6.60
CA ARG A 205 -9.42 20.90 -7.14
C ARG A 205 -9.05 19.48 -6.61
N LEU A 206 -9.44 19.18 -5.37
CA LEU A 206 -9.16 17.88 -4.75
C LEU A 206 -10.51 17.23 -4.41
N VAL A 207 -10.80 16.11 -5.01
CA VAL A 207 -12.02 15.36 -4.69
C VAL A 207 -11.64 13.91 -4.44
N VAL A 208 -12.32 13.28 -3.50
CA VAL A 208 -12.02 11.91 -3.15
C VAL A 208 -13.23 11.05 -3.42
N LEU A 209 -12.97 9.88 -4.01
CA LEU A 209 -14.00 8.88 -4.28
C LEU A 209 -13.65 7.60 -3.51
N THR A 210 -14.50 7.25 -2.55
CA THR A 210 -14.29 6.02 -1.82
C THR A 210 -15.44 5.07 -2.10
N GLY A 211 -15.15 3.78 -1.91
CA GLY A 211 -16.12 2.73 -2.17
C GLY A 211 -15.49 1.37 -2.12
N GLY A 212 -16.27 0.40 -1.63
CA GLY A 212 -15.88 -1.00 -1.67
C GLY A 212 -16.03 -1.63 -3.06
N PRO A 213 -15.78 -2.95 -3.15
CA PRO A 213 -15.77 -3.65 -4.44
C PRO A 213 -17.08 -3.67 -5.24
N GLY A 214 -18.23 -3.74 -4.57
CA GLY A 214 -19.49 -3.85 -5.32
C GLY A 214 -19.90 -2.58 -6.06
N THR A 215 -19.41 -1.46 -5.56
CA THR A 215 -19.70 -0.14 -6.11
C THR A 215 -19.16 -0.04 -7.54
N GLY A 216 -19.42 1.09 -8.19
CA GLY A 216 -19.00 1.27 -9.58
C GLY A 216 -17.98 2.38 -9.71
N LYS A 217 -16.79 2.18 -9.14
CA LYS A 217 -15.71 3.15 -9.23
C LYS A 217 -15.11 3.22 -10.64
N SER A 218 -15.03 2.07 -11.28
CA SER A 218 -14.59 1.95 -12.68
C SER A 218 -15.39 2.82 -13.64
N THR A 219 -16.70 2.70 -13.54
CA THR A 219 -17.63 3.46 -14.39
C THR A 219 -17.58 4.95 -14.07
N THR A 220 -17.41 5.26 -12.79
CA THR A 220 -17.36 6.63 -12.31
C THR A 220 -16.08 7.31 -12.77
N THR A 221 -14.99 6.57 -12.67
CA THR A 221 -13.67 7.01 -13.11
C THR A 221 -13.67 7.27 -14.61
N LYS A 222 -14.39 6.42 -15.35
CA LYS A 222 -14.50 6.59 -16.79
C LYS A 222 -15.32 7.84 -17.14
N ALA A 223 -16.38 8.10 -16.38
CA ALA A 223 -17.23 9.27 -16.61
C ALA A 223 -16.44 10.56 -16.39
N VAL A 224 -15.53 10.54 -15.42
CA VAL A 224 -14.67 11.69 -15.14
C VAL A 224 -13.70 11.94 -16.30
N ALA A 225 -12.96 10.91 -16.69
CA ALA A 225 -11.95 11.03 -17.75
C ALA A 225 -12.58 11.40 -19.10
N ASP A 226 -13.78 10.87 -19.37
CA ASP A 226 -14.52 11.21 -20.57
C ASP A 226 -14.90 12.69 -20.58
N LEU A 227 -15.50 13.15 -19.48
CA LEU A 227 -16.01 14.53 -19.39
C LEU A 227 -14.87 15.54 -19.46
N ALA A 228 -13.74 15.22 -18.84
CA ALA A 228 -12.61 16.12 -18.75
C ALA A 228 -11.92 16.31 -20.10
N GLU A 229 -11.82 15.25 -20.89
CA GLU A 229 -11.18 15.33 -22.21
C GLU A 229 -12.09 15.96 -23.27
N SER A 230 -13.40 15.78 -23.12
CA SER A 230 -14.38 16.46 -23.97
C SER A 230 -14.34 17.98 -23.75
N LEU A 231 -14.03 18.38 -22.52
CA LEU A 231 -13.81 19.79 -22.17
C LEU A 231 -12.46 20.32 -22.65
N GLY A 232 -11.63 19.45 -23.22
CA GLY A 232 -10.33 19.82 -23.76
C GLY A 232 -9.16 19.53 -22.83
N LEU A 233 -9.46 19.07 -21.61
CA LEU A 233 -8.42 18.89 -20.58
C LEU A 233 -7.50 17.70 -20.83
N GLU A 234 -6.28 17.80 -20.33
CA GLU A 234 -5.33 16.71 -20.35
C GLU A 234 -5.48 15.89 -19.06
N VAL A 235 -5.88 14.64 -19.24
CA VAL A 235 -6.11 13.73 -18.12
C VAL A 235 -4.95 12.74 -18.01
N GLY A 236 -4.44 12.58 -16.80
CA GLY A 236 -3.38 11.62 -16.50
C GLY A 236 -3.92 10.57 -15.56
N LEU A 237 -3.66 9.29 -15.86
CA LEU A 237 -4.20 8.18 -15.10
C LEU A 237 -3.10 7.40 -14.41
N CYS A 238 -3.41 6.95 -13.20
CA CYS A 238 -2.41 6.72 -12.19
C CYS A 238 -2.81 5.67 -11.12
N ALA A 239 -1.95 4.68 -10.84
CA ALA A 239 -2.07 3.80 -9.63
C ALA A 239 -0.70 3.46 -9.00
N PRO A 240 -0.68 3.03 -7.71
CA PRO A 240 0.60 2.65 -7.04
C PRO A 240 1.33 1.42 -7.57
N THR A 241 0.62 0.46 -8.17
CA THR A 241 1.23 -0.74 -8.72
C THR A 241 1.01 -0.81 -10.21
N GLY A 242 1.77 -1.69 -10.87
CA GLY A 242 1.74 -1.84 -12.33
C GLY A 242 0.48 -2.52 -12.82
N LYS A 243 -0.04 -3.48 -12.03
CA LYS A 243 -1.26 -4.19 -12.36
C LYS A 243 -2.49 -3.31 -12.08
N ALA A 244 -2.44 -2.53 -10.99
CA ALA A 244 -3.47 -1.50 -10.75
C ALA A 244 -3.51 -0.47 -11.89
N ALA A 245 -2.34 0.00 -12.30
CA ALA A 245 -2.23 0.97 -13.39
C ALA A 245 -2.87 0.38 -14.64
N ARG A 246 -2.43 -0.80 -15.03
CA ARG A 246 -2.96 -1.52 -16.19
C ARG A 246 -4.49 -1.61 -16.12
N ARG A 247 -5.02 -2.02 -14.97
CA ARG A 247 -6.48 -2.18 -14.84
C ARG A 247 -7.21 -0.85 -15.05
N LEU A 248 -6.64 0.23 -14.54
CA LEU A 248 -7.20 1.58 -14.68
C LEU A 248 -7.26 2.03 -16.15
N GLY A 249 -6.23 1.68 -16.91
CA GLY A 249 -6.21 1.94 -18.35
C GLY A 249 -7.29 1.16 -19.05
N GLU A 250 -7.43 -0.12 -18.69
CA GLU A 250 -8.43 -1.02 -19.30
C GLU A 250 -9.87 -0.54 -19.07
N VAL A 251 -10.19 -0.16 -17.84
CA VAL A 251 -11.56 0.24 -17.50
C VAL A 251 -11.89 1.64 -18.02
N THR A 252 -10.88 2.50 -18.12
CA THR A 252 -11.07 3.83 -18.68
C THR A 252 -10.89 3.84 -20.20
N GLY A 253 -10.28 2.78 -20.75
CA GLY A 253 -10.00 2.71 -22.18
C GLY A 253 -8.95 3.71 -22.61
N ARG A 254 -8.02 4.01 -21.71
CA ARG A 254 -6.91 4.94 -21.96
C ARG A 254 -5.62 4.28 -21.48
N THR A 255 -4.55 5.07 -21.42
CA THR A 255 -3.27 4.57 -20.94
C THR A 255 -3.04 5.15 -19.55
N ALA A 256 -2.75 4.27 -18.60
CA ALA A 256 -2.44 4.67 -17.24
C ALA A 256 -0.99 4.31 -16.90
N SER A 257 -0.46 4.89 -15.84
CA SER A 257 0.91 4.65 -15.41
C SER A 257 0.96 4.43 -13.91
N THR A 258 2.04 3.81 -13.42
CA THR A 258 2.29 3.76 -11.99
C THR A 258 2.46 5.19 -11.53
N VAL A 259 2.19 5.44 -10.26
CA VAL A 259 2.39 6.77 -9.73
C VAL A 259 3.83 7.26 -9.95
N HIS A 260 4.79 6.34 -9.88
CA HIS A 260 6.22 6.68 -10.02
C HIS A 260 6.60 7.00 -11.45
N ARG A 261 6.00 6.26 -12.40
CA ARG A 261 6.23 6.54 -13.81
C ARG A 261 5.67 7.92 -14.12
N LEU A 262 4.37 8.11 -13.90
CA LEU A 262 3.74 9.42 -14.13
C LEU A 262 4.53 10.60 -13.51
N LEU A 263 5.15 10.37 -12.35
CA LEU A 263 5.93 11.40 -11.66
C LEU A 263 7.38 11.50 -12.16
N GLY A 264 7.77 10.61 -13.07
CA GLY A 264 9.10 10.63 -13.69
C GLY A 264 10.19 10.22 -12.71
N TYR A 265 10.17 8.95 -12.30
CA TYR A 265 11.02 8.46 -11.23
C TYR A 265 12.27 7.76 -11.79
N GLY A 266 13.40 7.94 -11.09
CA GLY A 266 14.68 7.34 -11.47
C GLY A 266 15.67 7.42 -10.32
N PRO A 267 16.95 7.11 -10.57
CA PRO A 267 17.91 7.21 -9.46
C PRO A 267 18.09 8.65 -8.93
N GLN A 268 17.67 9.64 -9.72
CA GLN A 268 17.66 11.05 -9.31
C GLN A 268 16.46 11.48 -8.45
N GLY A 269 15.49 10.59 -8.25
CA GLY A 269 14.24 10.94 -7.56
C GLY A 269 13.13 11.22 -8.56
N PHE A 270 12.13 12.00 -8.16
CA PHE A 270 11.01 12.34 -9.04
C PHE A 270 11.34 13.56 -9.91
N ARG A 271 11.28 13.40 -11.23
CA ARG A 271 11.42 14.53 -12.15
C ARG A 271 10.34 15.57 -11.88
N HIS A 272 9.11 15.12 -11.64
CA HIS A 272 7.98 16.04 -11.51
C HIS A 272 7.73 16.43 -10.05
N ASN A 273 7.50 17.72 -9.84
CA ASN A 273 7.31 18.31 -8.51
C ASN A 273 6.77 19.74 -8.67
N HIS A 274 6.90 20.56 -7.64
CA HIS A 274 6.42 21.95 -7.69
C HIS A 274 7.18 22.81 -8.69
N LEU A 275 8.46 22.48 -8.91
CA LEU A 275 9.26 23.17 -9.91
C LEU A 275 8.93 22.75 -11.34
N GLU A 276 8.67 21.46 -11.57
CA GLU A 276 8.20 20.99 -12.88
C GLU A 276 7.01 20.04 -12.77
N PRO A 277 5.79 20.59 -12.66
CA PRO A 277 4.59 19.77 -12.49
C PRO A 277 4.41 18.66 -13.53
N ALA A 278 3.73 17.59 -13.13
CA ALA A 278 3.26 16.58 -14.05
C ALA A 278 2.28 17.29 -14.98
N PRO A 279 2.51 17.20 -16.31
CA PRO A 279 1.74 17.99 -17.27
C PRO A 279 0.31 17.51 -17.50
N TYR A 280 -0.53 17.59 -16.47
CA TYR A 280 -1.91 17.13 -16.58
C TYR A 280 -2.86 18.10 -15.89
N ASP A 281 -3.95 18.45 -16.56
CA ASP A 281 -4.99 19.32 -15.98
C ASP A 281 -5.82 18.56 -14.95
N LEU A 282 -5.93 17.26 -15.12
CA LEU A 282 -6.60 16.39 -14.15
C LEU A 282 -5.78 15.13 -13.97
N LEU A 283 -5.37 14.85 -12.73
CA LEU A 283 -4.76 13.56 -12.38
C LEU A 283 -5.82 12.68 -11.77
N ILE A 284 -5.94 11.45 -12.27
CA ILE A 284 -6.76 10.43 -11.63
C ILE A 284 -5.85 9.36 -11.01
N VAL A 285 -5.92 9.20 -9.68
CA VAL A 285 -5.18 8.17 -8.97
C VAL A 285 -6.11 7.13 -8.32
N ASP A 286 -5.87 5.84 -8.59
CA ASP A 286 -6.68 4.72 -8.04
C ASP A 286 -5.90 3.93 -6.99
N GLU A 287 -6.61 3.21 -6.11
CA GLU A 287 -5.99 2.39 -5.08
C GLU A 287 -5.12 3.21 -4.09
N VAL A 288 -5.61 4.39 -3.78
CA VAL A 288 -4.90 5.32 -2.90
C VAL A 288 -4.76 4.81 -1.46
N SER A 289 -5.48 3.74 -1.10
CA SER A 289 -5.35 3.12 0.24
C SER A 289 -3.91 2.71 0.54
N MET A 290 -3.17 2.42 -0.53
CA MET A 290 -1.77 1.96 -0.48
C MET A 290 -0.72 3.04 -0.31
N MET A 291 -1.12 4.30 -0.43
CA MET A 291 -0.20 5.44 -0.39
C MET A 291 -0.07 6.00 1.03
N GLY A 292 1.16 6.06 1.51
CA GLY A 292 1.47 6.75 2.76
C GLY A 292 1.69 8.23 2.47
N ASP A 293 1.95 9.00 3.52
CA ASP A 293 2.19 10.42 3.41
C ASP A 293 3.27 10.78 2.36
N ALA A 294 4.40 10.09 2.41
CA ALA A 294 5.54 10.37 1.54
C ALA A 294 5.12 10.40 0.07
N LEU A 295 4.51 9.33 -0.45
CA LEU A 295 4.17 9.32 -1.89
C LEU A 295 2.97 10.26 -2.20
N MET A 296 2.05 10.42 -1.26
CA MET A 296 0.98 11.41 -1.40
C MET A 296 1.57 12.79 -1.64
N LEU A 297 2.52 13.18 -0.78
CA LEU A 297 3.20 14.46 -0.92
C LEU A 297 3.86 14.59 -2.29
N SER A 298 4.62 13.57 -2.70
CA SER A 298 5.27 13.59 -4.00
C SER A 298 4.26 13.74 -5.14
N LEU A 299 3.08 13.13 -5.03
CA LEU A 299 2.07 13.27 -6.06
C LEU A 299 1.41 14.65 -6.03
N LEU A 300 0.88 15.00 -4.87
CA LEU A 300 0.12 16.24 -4.75
C LEU A 300 0.98 17.46 -5.06
N ALA A 301 2.27 17.38 -4.70
CA ALA A 301 3.23 18.44 -4.98
C ALA A 301 3.48 18.63 -6.47
N ALA A 302 3.14 17.62 -7.28
CA ALA A 302 3.35 17.62 -8.73
C ALA A 302 2.15 18.09 -9.54
N VAL A 303 1.03 18.35 -8.86
CA VAL A 303 -0.15 18.89 -9.51
C VAL A 303 0.08 20.36 -9.93
N PRO A 304 -0.07 20.67 -11.24
CA PRO A 304 0.08 22.06 -11.67
C PRO A 304 -0.86 22.98 -10.91
N PRO A 305 -0.44 24.23 -10.65
CA PRO A 305 -1.37 25.12 -9.96
C PRO A 305 -2.68 25.28 -10.74
N GLY A 306 -3.79 25.32 -10.02
CA GLY A 306 -5.12 25.37 -10.61
C GLY A 306 -5.67 24.07 -11.20
N ALA A 307 -4.84 23.02 -11.24
CA ALA A 307 -5.25 21.75 -11.86
C ALA A 307 -5.98 20.87 -10.83
N ARG A 308 -6.64 19.82 -11.31
CA ARG A 308 -7.48 18.99 -10.42
C ARG A 308 -6.84 17.65 -10.11
N VAL A 309 -7.29 17.02 -9.03
CA VAL A 309 -6.91 15.65 -8.71
C VAL A 309 -8.09 14.90 -8.13
N LEU A 310 -8.37 13.71 -8.68
CA LEU A 310 -9.41 12.82 -8.16
C LEU A 310 -8.71 11.59 -7.60
N LEU A 311 -8.83 11.40 -6.28
CA LEU A 311 -8.23 10.26 -5.60
C LEU A 311 -9.32 9.23 -5.31
N VAL A 312 -9.04 7.97 -5.64
CA VAL A 312 -10.08 6.95 -5.53
C VAL A 312 -9.52 5.79 -4.73
N GLY A 313 -10.30 5.32 -3.76
CA GLY A 313 -9.78 4.41 -2.76
C GLY A 313 -10.83 3.60 -2.03
N ASP A 314 -10.36 2.49 -1.45
CA ASP A 314 -11.15 1.69 -0.59
C ASP A 314 -10.50 1.77 0.79
N THR A 315 -11.15 2.50 1.68
CA THR A 315 -10.60 2.85 2.98
C THR A 315 -10.54 1.66 3.96
N ASP A 316 -11.19 0.54 3.61
CA ASP A 316 -11.18 -0.65 4.44
C ASP A 316 -10.06 -1.62 4.04
N GLN A 317 -9.33 -1.30 2.97
CA GLN A 317 -8.16 -2.07 2.60
C GLN A 317 -7.08 -1.89 3.65
N LEU A 318 -6.05 -2.73 3.58
CA LEU A 318 -4.86 -2.58 4.42
C LEU A 318 -4.35 -1.14 4.38
N PRO A 319 -3.73 -0.69 5.50
CA PRO A 319 -3.14 0.65 5.48
C PRO A 319 -1.82 0.63 4.73
N PRO A 320 -1.29 1.82 4.37
CA PRO A 320 0.01 1.85 3.69
C PRO A 320 1.11 1.14 4.46
N VAL A 321 2.14 0.71 3.75
CA VAL A 321 3.28 0.06 4.37
C VAL A 321 4.13 1.13 5.02
N ASP A 322 4.26 2.26 4.34
CA ASP A 322 4.95 3.45 4.87
C ASP A 322 4.00 4.23 5.79
N ALA A 323 4.58 5.10 6.63
CA ALA A 323 3.85 5.85 7.64
C ALA A 323 2.72 6.73 7.07
N GLY A 324 1.64 6.90 7.83
CA GLY A 324 0.52 7.72 7.39
C GLY A 324 -0.74 6.98 6.97
N LEU A 325 -1.84 7.74 6.95
CA LEU A 325 -3.16 7.29 6.52
C LEU A 325 -3.77 8.49 5.78
N PRO A 326 -3.13 8.92 4.66
CA PRO A 326 -3.59 10.09 3.91
C PRO A 326 -5.01 9.98 3.36
N LEU A 327 -5.36 8.84 2.77
CA LEU A 327 -6.68 8.65 2.20
C LEU A 327 -7.70 8.84 3.30
N LEU A 328 -7.48 8.21 4.44
CA LEU A 328 -8.41 8.33 5.56
C LEU A 328 -8.54 9.78 6.02
N ALA A 329 -7.43 10.52 6.03
CA ALA A 329 -7.45 11.91 6.43
C ALA A 329 -8.19 12.71 5.37
N LEU A 330 -7.85 12.47 4.09
CA LEU A 330 -8.47 13.16 2.96
C LEU A 330 -9.97 12.87 2.89
N ALA A 331 -10.36 11.62 3.14
CA ALA A 331 -11.77 11.24 3.12
C ALA A 331 -12.58 11.99 4.18
N GLN A 332 -11.89 12.56 5.18
CA GLN A 332 -12.53 13.29 6.27
C GLN A 332 -12.49 14.80 6.08
N ALA A 333 -11.48 15.30 5.35
CA ALA A 333 -11.30 16.72 5.12
C ALA A 333 -11.73 17.19 3.73
N ALA A 334 -11.31 16.47 2.68
CA ALA A 334 -11.64 16.81 1.30
C ALA A 334 -13.10 16.50 0.94
N PRO A 335 -13.61 17.14 -0.14
CA PRO A 335 -14.91 16.77 -0.68
C PRO A 335 -14.85 15.33 -1.15
N THR A 336 -15.53 14.44 -0.45
CA THR A 336 -15.42 13.02 -0.72
C THR A 336 -16.75 12.38 -1.07
N ILE A 337 -16.75 11.63 -2.18
CA ILE A 337 -17.91 10.85 -2.58
C ILE A 337 -17.76 9.41 -2.12
N LYS A 338 -18.61 9.00 -1.20
CA LYS A 338 -18.57 7.66 -0.63
C LYS A 338 -19.65 6.78 -1.27
N LEU A 339 -19.26 5.94 -2.23
CA LEU A 339 -20.19 5.02 -2.88
C LEU A 339 -20.63 3.97 -1.88
N THR A 340 -21.94 3.76 -1.82
CA THR A 340 -22.59 2.84 -0.90
C THR A 340 -23.44 1.81 -1.65
N GLN A 341 -23.74 2.10 -2.93
CA GLN A 341 -24.59 1.25 -3.73
C GLN A 341 -23.72 0.15 -4.36
N VAL A 342 -24.07 -1.10 -4.06
CA VAL A 342 -23.44 -2.26 -4.72
C VAL A 342 -24.25 -2.61 -5.97
N TYR A 343 -23.55 -3.01 -7.03
CA TYR A 343 -24.18 -3.48 -8.25
C TYR A 343 -24.97 -4.75 -7.99
N ARG A 344 -25.97 -5.01 -8.82
CA ARG A 344 -26.84 -6.19 -8.65
C ARG A 344 -26.01 -7.47 -8.73
N GLN A 345 -25.20 -7.57 -9.78
CA GLN A 345 -24.32 -8.73 -9.98
C GLN A 345 -23.21 -8.85 -8.93
N ALA A 346 -22.85 -7.73 -8.31
CA ALA A 346 -21.90 -7.75 -7.20
C ALA A 346 -22.60 -8.24 -5.92
N ALA A 347 -23.86 -7.84 -5.73
CA ALA A 347 -24.63 -8.22 -4.54
C ALA A 347 -24.75 -9.73 -4.36
N LYS A 348 -24.87 -10.45 -5.47
CA LYS A 348 -25.04 -11.92 -5.44
C LYS A 348 -23.75 -12.66 -5.12
N ASN A 349 -22.62 -11.98 -5.33
CA ASN A 349 -21.31 -12.58 -5.17
C ASN A 349 -21.02 -12.86 -3.70
N PRO A 350 -20.80 -14.15 -3.36
CA PRO A 350 -20.52 -14.51 -1.98
C PRO A 350 -19.28 -13.79 -1.42
N ILE A 351 -18.24 -13.68 -2.24
CA ILE A 351 -16.99 -13.04 -1.83
C ILE A 351 -17.23 -11.59 -1.41
N ILE A 352 -17.95 -10.85 -2.24
CA ILE A 352 -18.30 -9.47 -1.93
C ILE A 352 -19.11 -9.38 -0.64
N GLN A 353 -20.00 -10.36 -0.42
CA GLN A 353 -20.78 -10.41 0.83
C GLN A 353 -19.92 -10.78 2.04
N ALA A 354 -18.97 -11.68 1.87
CA ALA A 354 -18.07 -12.07 2.96
C ALA A 354 -17.26 -10.85 3.37
N ALA A 355 -16.77 -10.13 2.36
CA ALA A 355 -15.98 -8.92 2.57
C ALA A 355 -16.74 -7.86 3.38
N HIS A 356 -18.05 -7.73 3.12
CA HIS A 356 -18.88 -6.78 3.85
C HIS A 356 -19.21 -7.26 5.26
N GLY A 357 -19.39 -8.57 5.42
CA GLY A 357 -19.46 -9.19 6.74
C GLY A 357 -18.24 -8.90 7.58
N LEU A 358 -17.06 -8.99 6.97
CA LEU A 358 -15.81 -8.67 7.68
C LEU A 358 -15.91 -7.33 8.39
N LEU A 359 -16.45 -6.32 7.68
CA LEU A 359 -16.65 -4.98 8.27
C LEU A 359 -17.60 -4.96 9.46
N HIS A 360 -18.48 -5.96 9.55
CA HIS A 360 -19.36 -6.13 10.73
C HIS A 360 -18.70 -7.06 11.75
N GLY A 361 -17.39 -7.27 11.63
CA GLY A 361 -16.67 -8.21 12.49
C GLY A 361 -17.21 -9.63 12.46
N GLU A 362 -17.64 -10.07 11.27
CA GLU A 362 -18.19 -11.41 11.07
C GLU A 362 -17.35 -12.17 10.06
N ALA A 363 -16.79 -13.29 10.49
CA ALA A 363 -16.05 -14.21 9.62
C ALA A 363 -16.94 -14.71 8.48
N PRO A 364 -16.36 -15.03 7.32
CA PRO A 364 -17.15 -15.54 6.19
C PRO A 364 -18.01 -16.79 6.48
N ALA A 365 -19.10 -16.94 5.72
CA ALA A 365 -19.95 -18.12 5.80
C ALA A 365 -19.58 -19.07 4.67
N TRP A 366 -18.75 -20.06 5.01
CA TRP A 366 -18.11 -20.93 4.02
C TRP A 366 -19.06 -22.02 3.56
N GLY A 367 -18.63 -22.78 2.56
CA GLY A 367 -19.41 -23.90 2.06
C GLY A 367 -19.94 -23.71 0.65
N ASP A 368 -19.73 -22.53 0.09
CA ASP A 368 -20.15 -22.27 -1.28
C ASP A 368 -19.06 -22.74 -2.25
N LYS A 369 -19.45 -23.11 -3.46
CA LYS A 369 -18.49 -23.45 -4.50
C LYS A 369 -17.58 -22.27 -4.86
N ARG A 370 -18.00 -21.05 -4.50
CA ARG A 370 -17.23 -19.83 -4.76
C ARG A 370 -16.53 -19.27 -3.52
N LEU A 371 -16.84 -19.84 -2.35
CA LEU A 371 -16.36 -19.31 -1.08
C LEU A 371 -16.36 -20.51 -0.11
N ASN A 372 -15.25 -21.22 0.00
CA ASN A 372 -15.17 -22.29 0.97
C ASN A 372 -13.81 -22.48 1.58
N LEU A 373 -13.79 -23.19 2.70
CA LEU A 373 -12.59 -23.39 3.50
C LEU A 373 -12.40 -24.87 3.79
N THR A 374 -11.17 -25.31 3.60
CA THR A 374 -10.77 -26.66 3.92
C THR A 374 -9.73 -26.58 5.06
N GLU A 375 -10.03 -27.27 6.16
CA GLU A 375 -9.20 -27.21 7.36
C GLU A 375 -7.89 -27.94 7.10
N ILE A 376 -6.77 -27.28 7.39
CA ILE A 376 -5.46 -27.95 7.34
C ILE A 376 -4.58 -27.59 8.54
N GLU A 377 -3.65 -28.48 8.86
CA GLU A 377 -2.63 -28.20 9.86
C GLU A 377 -1.52 -27.43 9.17
N PRO A 378 -1.03 -26.34 9.78
CA PRO A 378 -0.04 -25.50 9.14
C PRO A 378 1.37 -26.09 9.00
N ASP A 379 1.82 -26.79 10.02
CA ASP A 379 3.22 -27.25 10.11
C ASP A 379 3.61 -28.12 8.92
N GLY A 380 2.73 -29.06 8.56
CA GLY A 380 2.93 -29.88 7.34
C GLY A 380 1.92 -29.68 6.22
N GLY A 381 1.24 -28.54 6.18
CA GLY A 381 0.09 -28.35 5.29
C GLY A 381 0.34 -27.71 3.93
N ALA A 382 1.58 -27.37 3.62
CA ALA A 382 1.92 -26.71 2.36
C ALA A 382 1.82 -27.65 1.16
N ARG A 383 2.10 -28.94 1.38
CA ARG A 383 1.95 -29.95 0.33
C ARG A 383 0.50 -30.05 -0.11
N ARG A 384 -0.39 -30.05 0.88
CA ARG A 384 -1.83 -30.09 0.64
C ARG A 384 -2.32 -28.86 -0.16
N VAL A 385 -1.81 -27.66 0.15
CA VAL A 385 -2.16 -26.46 -0.62
C VAL A 385 -1.73 -26.61 -2.10
N ALA A 386 -0.51 -27.10 -2.32
CA ALA A 386 -0.04 -27.39 -3.68
C ALA A 386 -1.02 -28.32 -4.40
N LEU A 387 -1.51 -29.34 -3.71
CA LEU A 387 -2.48 -30.28 -4.28
C LEU A 387 -3.83 -29.62 -4.51
N MET A 388 -4.26 -28.76 -3.59
CA MET A 388 -5.46 -27.95 -3.80
C MET A 388 -5.37 -27.08 -5.06
N VAL A 389 -4.19 -26.55 -5.33
CA VAL A 389 -3.93 -25.76 -6.55
C VAL A 389 -3.98 -26.62 -7.82
N ARG A 390 -3.44 -27.84 -7.73
CA ARG A 390 -3.48 -28.80 -8.83
C ARG A 390 -4.92 -29.17 -9.22
N GLU A 391 -5.71 -29.47 -8.19
CA GLU A 391 -7.15 -29.70 -8.30
C GLU A 391 -7.89 -28.58 -9.05
N LEU A 392 -7.40 -27.33 -8.93
CA LEU A 392 -8.00 -26.17 -9.57
C LEU A 392 -7.43 -25.85 -10.96
N GLY A 393 -6.54 -26.71 -11.47
CA GLY A 393 -5.92 -26.53 -12.78
C GLY A 393 -4.55 -25.86 -12.75
N GLY A 394 -3.90 -25.90 -11.60
CA GLY A 394 -2.52 -25.46 -11.49
C GLY A 394 -2.31 -23.96 -11.33
N PRO A 395 -1.04 -23.53 -11.36
CA PRO A 395 -0.62 -22.13 -11.24
C PRO A 395 -1.35 -21.15 -12.15
N GLY A 396 -1.66 -21.56 -13.37
CA GLY A 396 -2.38 -20.70 -14.29
C GLY A 396 -3.79 -20.34 -13.85
N ALA A 397 -4.42 -21.20 -13.05
CA ALA A 397 -5.86 -21.10 -12.76
C ALA A 397 -6.19 -20.60 -11.35
N VAL A 398 -5.17 -20.36 -10.53
CA VAL A 398 -5.37 -19.94 -9.15
C VAL A 398 -4.13 -19.24 -8.64
N GLN A 399 -4.35 -18.13 -7.92
CA GLN A 399 -3.28 -17.43 -7.23
C GLN A 399 -3.36 -17.78 -5.75
N VAL A 400 -2.27 -18.31 -5.21
CA VAL A 400 -2.14 -18.56 -3.77
C VAL A 400 -1.63 -17.31 -3.06
N LEU A 401 -2.30 -16.96 -1.96
CA LEU A 401 -1.92 -15.84 -1.09
C LEU A 401 -1.71 -16.28 0.36
N THR A 402 -0.78 -15.61 1.04
CA THR A 402 -0.52 -15.86 2.47
C THR A 402 -0.23 -14.53 3.21
N PRO A 403 -0.55 -14.45 4.53
CA PRO A 403 -0.28 -13.20 5.22
C PRO A 403 1.20 -12.91 5.36
N MET A 404 2.03 -13.94 5.49
CA MET A 404 3.42 -13.74 5.81
C MET A 404 4.38 -14.58 5.01
N ARG A 405 5.64 -14.17 5.05
CA ARG A 405 6.68 -14.78 4.24
C ARG A 405 7.24 -16.01 4.92
N LYS A 406 7.46 -15.91 6.23
CA LYS A 406 8.11 -16.95 7.00
C LYS A 406 7.08 -17.77 7.76
N GLY A 407 7.52 -18.95 8.21
CA GLY A 407 6.74 -19.78 9.10
C GLY A 407 5.88 -20.73 8.32
N PRO A 408 5.11 -21.58 9.04
CA PRO A 408 4.16 -22.53 8.47
C PRO A 408 3.17 -21.81 7.56
N LEU A 409 2.96 -22.37 6.37
CA LEU A 409 2.08 -21.77 5.38
C LEU A 409 2.47 -20.33 5.10
N GLY A 410 3.73 -19.97 5.34
CA GLY A 410 4.19 -18.68 4.93
C GLY A 410 4.53 -18.81 3.46
N MET A 411 5.01 -17.73 2.85
CA MET A 411 5.28 -17.69 1.43
C MET A 411 6.42 -18.63 1.02
N ASP A 412 7.51 -18.65 1.78
CA ASP A 412 8.61 -19.54 1.51
C ASP A 412 8.16 -21.01 1.58
N HIS A 413 7.38 -21.37 2.62
CA HIS A 413 6.84 -22.73 2.76
C HIS A 413 6.02 -23.13 1.54
N LEU A 414 5.11 -22.25 1.14
CA LEU A 414 4.25 -22.53 0.00
C LEU A 414 5.01 -22.63 -1.32
N ASN A 415 5.89 -21.67 -1.61
CA ASN A 415 6.68 -21.70 -2.85
C ASN A 415 7.43 -22.98 -3.04
N TYR A 416 8.02 -23.51 -1.97
CA TYR A 416 8.80 -24.75 -2.06
C TYR A 416 7.96 -25.86 -2.67
N HIS A 417 6.75 -25.99 -2.16
CA HIS A 417 5.85 -27.07 -2.56
C HIS A 417 5.20 -26.82 -3.91
N LEU A 418 4.87 -25.56 -4.17
CA LEU A 418 4.33 -25.18 -5.45
C LEU A 418 5.34 -25.48 -6.54
N GLN A 419 6.57 -25.07 -6.32
CA GLN A 419 7.65 -25.30 -7.28
C GLN A 419 7.93 -26.79 -7.42
N ALA A 420 8.00 -27.50 -6.30
CA ALA A 420 8.21 -28.95 -6.32
C ALA A 420 7.17 -29.70 -7.16
N LEU A 421 5.90 -29.31 -7.04
CA LEU A 421 4.77 -30.04 -7.65
C LEU A 421 4.51 -29.67 -9.12
N PHE A 422 4.78 -28.34 -9.45
CA PHE A 422 4.34 -27.90 -10.78
C PHE A 422 5.58 -27.75 -11.70
N ASN A 423 6.73 -27.40 -11.12
CA ASN A 423 8.00 -27.32 -11.90
C ASN A 423 9.10 -28.14 -11.19
N PRO A 424 8.97 -29.53 -11.09
CA PRO A 424 9.99 -30.39 -10.47
C PRO A 424 11.28 -30.25 -11.19
N GLY A 425 12.41 -30.47 -10.58
CA GLY A 425 13.69 -30.38 -11.26
C GLY A 425 14.83 -30.18 -10.27
N GLU A 426 16.01 -29.91 -10.81
CA GLU A 426 17.22 -29.79 -10.04
C GLU A 426 18.07 -28.66 -10.60
N GLY A 427 19.09 -28.21 -9.90
CA GLY A 427 20.20 -27.42 -10.45
C GLY A 427 19.83 -26.09 -11.06
N GLY A 428 19.01 -25.32 -10.35
CA GLY A 428 18.69 -23.94 -10.74
C GLY A 428 19.63 -22.94 -10.10
N VAL A 429 19.41 -21.65 -10.38
CA VAL A 429 20.18 -20.58 -9.76
C VAL A 429 19.58 -20.18 -8.41
N ARG A 430 20.38 -20.22 -7.35
CA ARG A 430 19.93 -19.87 -6.00
C ARG A 430 19.60 -18.38 -5.88
N ILE A 431 18.48 -18.07 -5.22
CA ILE A 431 18.04 -16.69 -5.01
C ILE A 431 17.72 -16.48 -3.51
N ALA A 432 17.04 -15.38 -3.18
CA ALA A 432 16.79 -15.00 -1.78
C ALA A 432 16.55 -16.21 -0.88
N GLU A 433 15.64 -17.06 -1.32
CA GLU A 433 15.36 -18.35 -0.66
C GLU A 433 15.04 -19.35 -1.77
N GLY A 434 15.53 -20.58 -1.63
CA GLY A 434 15.28 -21.60 -2.64
C GLY A 434 16.00 -21.32 -3.94
N GLU A 435 15.55 -21.98 -5.00
CA GLU A 435 16.21 -21.95 -6.30
C GLU A 435 15.22 -21.53 -7.37
N ALA A 436 15.74 -20.84 -8.38
CA ALA A 436 14.96 -20.45 -9.55
C ALA A 436 15.37 -21.31 -10.74
N ARG A 437 14.36 -21.88 -11.42
CA ARG A 437 14.60 -22.68 -12.63
C ARG A 437 13.69 -22.20 -13.77
N PRO A 438 14.10 -22.46 -15.03
CA PRO A 438 13.20 -22.13 -16.14
C PRO A 438 11.77 -22.63 -15.91
N GLY A 439 10.80 -21.77 -16.25
CA GLY A 439 9.38 -22.05 -15.97
C GLY A 439 8.86 -21.48 -14.65
N ASP A 440 9.76 -21.03 -13.79
CA ASP A 440 9.37 -20.50 -12.48
C ASP A 440 8.94 -19.04 -12.60
N THR A 441 7.92 -18.65 -11.83
CA THR A 441 7.58 -17.24 -11.71
C THR A 441 8.51 -16.62 -10.68
N VAL A 442 8.78 -15.33 -10.82
CA VAL A 442 9.69 -14.63 -9.91
C VAL A 442 9.16 -13.23 -9.59
N VAL A 443 9.51 -12.71 -8.42
CA VAL A 443 9.13 -11.37 -8.02
C VAL A 443 10.36 -10.58 -7.61
N GLN A 444 10.46 -9.35 -8.10
CA GLN A 444 11.51 -8.41 -7.74
C GLN A 444 11.08 -7.70 -6.45
N THR A 445 11.94 -7.75 -5.45
CA THR A 445 11.57 -7.35 -4.07
C THR A 445 12.08 -5.95 -3.70
N LYS A 446 12.97 -5.40 -4.52
CA LYS A 446 13.34 -3.99 -4.43
C LYS A 446 13.71 -3.47 -5.81
N ASN A 447 13.67 -2.16 -6.00
CA ASN A 447 13.91 -1.56 -7.32
C ASN A 447 15.29 -1.88 -7.89
N ASP A 448 15.34 -2.33 -9.13
CA ASP A 448 16.60 -2.41 -9.89
C ASP A 448 16.69 -1.17 -10.77
N TYR A 449 17.49 -0.20 -10.34
CA TYR A 449 17.62 1.06 -11.05
C TYR A 449 18.39 0.93 -12.36
N ASN A 450 19.24 -0.10 -12.45
CA ASN A 450 20.03 -0.35 -13.65
C ASN A 450 19.18 -0.97 -14.75
N ASN A 451 18.41 -2.00 -14.40
CA ASN A 451 17.58 -2.68 -15.38
C ASN A 451 16.17 -2.10 -15.49
N GLU A 452 15.86 -1.05 -14.67
CA GLU A 452 14.56 -0.41 -14.65
C GLU A 452 13.46 -1.46 -14.38
N ILE A 453 13.69 -2.31 -13.37
CA ILE A 453 12.65 -3.23 -12.87
C ILE A 453 12.15 -2.72 -11.53
N PHE A 454 10.87 -2.46 -11.47
CA PHE A 454 10.25 -1.91 -10.26
C PHE A 454 9.97 -2.95 -9.20
N ASN A 455 9.86 -2.43 -7.97
CA ASN A 455 9.58 -3.26 -6.81
C ASN A 455 8.21 -3.84 -6.95
N GLY A 456 8.23 -5.16 -7.03
CA GLY A 456 7.05 -5.99 -7.15
C GLY A 456 6.83 -6.37 -8.61
N THR A 457 7.73 -6.28 -9.59
CA THR A 457 7.49 -6.76 -10.97
C THR A 457 7.55 -8.29 -11.01
N LEU A 458 6.59 -8.92 -11.69
CA LEU A 458 6.60 -10.38 -11.84
C LEU A 458 7.42 -10.71 -13.08
N GLY A 459 8.16 -11.81 -13.01
CA GLY A 459 9.03 -12.21 -14.12
C GLY A 459 8.91 -13.69 -14.41
N MET A 460 9.37 -14.10 -15.59
CA MET A 460 9.38 -15.50 -15.99
C MET A 460 10.80 -15.93 -16.24
N VAL A 461 11.28 -16.91 -15.48
CA VAL A 461 12.65 -17.40 -15.65
C VAL A 461 12.71 -18.25 -16.91
N LEU A 462 13.48 -17.78 -17.89
CA LEU A 462 13.63 -18.47 -19.19
C LEU A 462 14.83 -19.42 -19.17
N LYS A 463 15.91 -19.02 -18.49
CA LYS A 463 16.99 -19.96 -18.15
C LYS A 463 17.82 -19.53 -16.92
N ALA A 464 18.34 -20.54 -16.22
CA ALA A 464 19.30 -20.38 -15.13
C ALA A 464 20.52 -21.24 -15.43
N GLU A 465 21.65 -20.62 -15.78
CA GLU A 465 22.85 -21.34 -16.22
C GLU A 465 24.12 -20.86 -15.52
N GLY A 466 24.76 -21.74 -14.77
CA GLY A 466 25.78 -21.34 -13.80
C GLY A 466 25.09 -20.63 -12.64
N ALA A 467 25.62 -19.48 -12.26
CA ALA A 467 24.99 -18.64 -11.25
C ALA A 467 24.37 -17.42 -11.91
N ARG A 468 23.77 -17.63 -13.07
CA ARG A 468 23.15 -16.53 -13.82
C ARG A 468 21.71 -16.87 -14.17
N LEU A 469 20.83 -15.91 -13.91
CA LEU A 469 19.40 -16.06 -14.11
C LEU A 469 18.97 -15.12 -15.24
N THR A 470 18.33 -15.68 -16.27
CA THR A 470 17.77 -14.90 -17.37
C THR A 470 16.25 -14.84 -17.17
N VAL A 471 15.71 -13.64 -16.91
CA VAL A 471 14.28 -13.45 -16.58
C VAL A 471 13.58 -12.44 -17.52
N ASP A 472 12.40 -12.82 -18.02
CA ASP A 472 11.53 -11.91 -18.77
C ASP A 472 10.51 -11.24 -17.83
N PHE A 473 10.77 -9.98 -17.46
CA PHE A 473 9.80 -9.17 -16.75
C PHE A 473 9.02 -8.36 -17.78
N ASP A 474 7.83 -8.83 -18.13
CA ASP A 474 6.86 -8.03 -18.86
C ASP A 474 7.49 -7.46 -20.14
N GLY A 475 8.24 -8.30 -20.83
CA GLY A 475 8.92 -7.92 -22.08
C GLY A 475 10.39 -7.62 -21.88
N ASN A 476 10.75 -7.13 -20.70
CA ASN A 476 12.13 -6.77 -20.38
C ASN A 476 12.95 -8.03 -20.09
N VAL A 477 13.51 -8.67 -21.11
CA VAL A 477 14.34 -9.84 -20.88
C VAL A 477 15.70 -9.38 -20.36
N VAL A 478 16.05 -9.86 -19.17
CA VAL A 478 17.18 -9.31 -18.43
C VAL A 478 17.90 -10.39 -17.64
N GLU A 479 19.20 -10.54 -17.88
CA GLU A 479 20.04 -11.51 -17.18
C GLU A 479 20.59 -10.93 -15.89
N LEU A 480 20.44 -11.69 -14.80
CA LEU A 480 20.77 -11.25 -13.43
C LEU A 480 21.78 -12.19 -12.76
N THR A 481 22.61 -11.61 -11.87
CA THR A 481 23.66 -12.35 -11.17
C THR A 481 24.02 -11.65 -9.86
N GLY A 482 24.89 -12.29 -9.08
CA GLY A 482 25.50 -11.68 -7.90
C GLY A 482 24.50 -11.24 -6.84
N ALA A 483 24.62 -9.98 -6.41
CA ALA A 483 23.78 -9.41 -5.37
C ALA A 483 22.31 -9.29 -5.79
N GLU A 484 22.08 -8.98 -7.07
CA GLU A 484 20.72 -8.75 -7.57
C GLU A 484 19.90 -10.04 -7.77
N LEU A 485 20.51 -11.16 -7.37
CA LEU A 485 19.84 -12.47 -7.28
C LEU A 485 19.15 -12.60 -5.92
N PHE A 486 19.67 -11.87 -4.94
CA PHE A 486 19.11 -11.84 -3.59
C PHE A 486 17.94 -10.85 -3.46
N ASN A 487 17.60 -10.17 -4.55
CA ASN A 487 16.46 -9.26 -4.62
C ASN A 487 15.37 -9.85 -5.52
N LEU A 488 15.36 -11.17 -5.60
CA LEU A 488 14.37 -11.94 -6.32
C LEU A 488 13.84 -13.00 -5.37
N GLN A 489 12.56 -13.34 -5.53
CA GLN A 489 11.98 -14.49 -4.85
C GLN A 489 11.01 -15.19 -5.78
N LEU A 490 10.73 -16.45 -5.48
CA LEU A 490 9.85 -17.28 -6.28
C LEU A 490 8.44 -16.75 -6.11
N GLY A 491 7.64 -16.80 -7.16
CA GLY A 491 6.34 -16.12 -7.19
C GLY A 491 5.11 -16.98 -7.41
N TYR A 492 5.20 -18.28 -7.13
CA TYR A 492 4.01 -19.16 -7.07
C TYR A 492 3.02 -18.75 -5.94
N ALA A 493 3.56 -18.32 -4.81
CA ALA A 493 2.76 -17.88 -3.69
C ALA A 493 3.13 -16.43 -3.40
N LEU A 494 2.12 -15.56 -3.34
CA LEU A 494 2.32 -14.15 -3.05
C LEU A 494 1.79 -13.81 -1.69
N THR A 495 2.40 -12.85 -1.00
CA THR A 495 1.81 -12.42 0.29
C THR A 495 0.64 -11.47 -0.01
N VAL A 496 -0.23 -11.29 0.97
CA VAL A 496 -1.40 -10.47 0.75
C VAL A 496 -1.00 -9.03 0.49
N HIS A 497 0.03 -8.54 1.21
CA HIS A 497 0.55 -7.20 0.99
C HIS A 497 1.12 -7.02 -0.40
N ARG A 498 1.85 -8.03 -0.89
CA ARG A 498 2.43 -7.93 -2.23
C ARG A 498 1.32 -8.10 -3.27
N ALA A 499 0.19 -8.66 -2.87
CA ALA A 499 -0.94 -8.86 -3.79
C ALA A 499 -1.84 -7.65 -3.93
N GLN A 500 -1.71 -6.67 -3.04
CA GLN A 500 -2.54 -5.47 -3.07
C GLN A 500 -2.54 -4.82 -4.45
N GLY A 501 -3.72 -4.42 -4.89
CA GLY A 501 -3.90 -3.79 -6.18
C GLY A 501 -4.01 -4.78 -7.32
N SER A 502 -3.86 -6.07 -7.03
CA SER A 502 -3.94 -7.11 -8.06
C SER A 502 -5.21 -7.92 -7.85
N GLU A 503 -5.74 -8.45 -8.94
CA GLU A 503 -7.01 -9.16 -8.94
C GLU A 503 -6.89 -10.40 -9.81
N TRP A 504 -7.52 -11.48 -9.36
CA TRP A 504 -7.53 -12.75 -10.07
C TRP A 504 -8.92 -13.37 -10.08
N GLY A 505 -9.16 -14.28 -11.00
CA GLY A 505 -10.44 -14.97 -11.08
C GLY A 505 -10.68 -15.75 -9.79
N THR A 506 -9.77 -16.65 -9.49
CA THR A 506 -9.87 -17.43 -8.26
C THR A 506 -8.58 -17.33 -7.47
N VAL A 507 -8.75 -17.35 -6.14
CA VAL A 507 -7.67 -17.12 -5.18
C VAL A 507 -7.75 -18.22 -4.13
N LEU A 508 -6.59 -18.70 -3.72
CA LEU A 508 -6.49 -19.62 -2.60
C LEU A 508 -5.78 -18.89 -1.47
N GLY A 509 -6.52 -18.55 -0.42
CA GLY A 509 -5.98 -17.80 0.69
C GLY A 509 -5.73 -18.64 1.91
N VAL A 510 -4.48 -18.68 2.33
CA VAL A 510 -4.11 -19.42 3.53
C VAL A 510 -4.29 -18.55 4.78
N LEU A 511 -4.85 -19.12 5.86
CA LEU A 511 -5.07 -18.38 7.11
C LEU A 511 -5.18 -19.34 8.28
N HIS A 512 -4.42 -19.07 9.34
CA HIS A 512 -4.37 -19.94 10.51
C HIS A 512 -3.81 -19.15 11.71
N GLU A 513 -4.11 -19.63 12.91
CA GLU A 513 -3.50 -19.12 14.13
C GLU A 513 -1.97 -18.93 13.99
N ALA A 514 -1.36 -19.62 13.02
CA ALA A 514 0.07 -19.56 12.75
C ALA A 514 0.49 -18.20 12.23
N HIS A 515 -0.47 -17.46 11.71
CA HIS A 515 -0.25 -16.12 11.21
C HIS A 515 -0.72 -15.10 12.24
N MET A 516 -0.75 -15.49 13.50
CA MET A 516 -1.44 -14.70 14.52
C MET A 516 -1.21 -13.19 14.41
N PRO A 517 0.06 -12.73 14.39
CA PRO A 517 0.24 -11.27 14.43
C PRO A 517 -0.41 -10.52 13.26
N MET A 518 -0.58 -11.20 12.14
CA MET A 518 -1.11 -10.61 10.92
C MET A 518 -2.61 -10.77 10.77
N LEU A 519 -3.25 -11.45 11.70
CA LEU A 519 -4.71 -11.64 11.68
C LEU A 519 -5.45 -10.36 12.07
N SER A 520 -5.71 -9.52 11.07
CA SER A 520 -6.44 -8.26 11.24
C SER A 520 -7.59 -8.24 10.24
N ARG A 521 -8.58 -7.41 10.51
CA ARG A 521 -9.75 -7.28 9.64
C ARG A 521 -9.38 -6.77 8.25
N ASN A 522 -8.44 -5.83 8.21
CA ASN A 522 -8.07 -5.20 6.96
C ASN A 522 -7.35 -6.17 6.06
N LEU A 523 -6.44 -6.96 6.65
CA LEU A 523 -5.70 -8.02 5.93
C LEU A 523 -6.68 -8.99 5.28
N VAL A 524 -7.63 -9.51 6.04
CA VAL A 524 -8.57 -10.49 5.50
C VAL A 524 -9.51 -9.82 4.48
N TYR A 525 -9.81 -8.54 4.67
CA TYR A 525 -10.60 -7.79 3.70
C TYR A 525 -9.88 -7.61 2.36
N THR A 526 -8.61 -7.23 2.39
CA THR A 526 -7.80 -7.14 1.16
C THR A 526 -7.64 -8.49 0.44
N ALA A 527 -7.21 -9.52 1.16
CA ALA A 527 -7.09 -10.88 0.62
C ALA A 527 -8.35 -11.29 -0.15
N LEU A 528 -9.50 -11.10 0.48
CA LEU A 528 -10.80 -11.51 -0.08
C LEU A 528 -11.14 -10.71 -1.36
N THR A 529 -10.80 -9.42 -1.34
CA THR A 529 -11.06 -8.55 -2.47
C THR A 529 -10.02 -8.69 -3.60
N ARG A 530 -9.05 -9.58 -3.42
CA ARG A 530 -8.17 -9.98 -4.52
C ARG A 530 -8.91 -10.95 -5.45
N ALA A 531 -10.05 -11.49 -4.99
CA ALA A 531 -10.79 -12.51 -5.74
C ALA A 531 -12.04 -11.94 -6.40
N ARG A 532 -12.18 -12.21 -7.70
CA ARG A 532 -13.33 -11.78 -8.47
C ARG A 532 -14.41 -12.85 -8.53
N ASP A 533 -14.00 -14.08 -8.80
CA ASP A 533 -14.94 -15.18 -9.08
C ASP A 533 -15.06 -16.15 -7.92
N ARG A 534 -13.91 -16.65 -7.45
CA ARG A 534 -13.90 -17.63 -6.35
C ARG A 534 -12.78 -17.39 -5.36
N PHE A 535 -13.07 -17.63 -4.09
CA PHE A 535 -12.06 -17.58 -3.05
C PHE A 535 -12.16 -18.86 -2.24
N PHE A 536 -11.06 -19.63 -2.22
CA PHE A 536 -10.95 -20.83 -1.40
C PHE A 536 -9.93 -20.55 -0.31
N SER A 537 -10.28 -20.88 0.94
CA SER A 537 -9.31 -20.79 2.02
C SER A 537 -8.82 -22.16 2.49
N ALA A 538 -7.60 -22.14 3.03
CA ALA A 538 -6.96 -23.30 3.62
C ALA A 538 -6.38 -22.89 4.98
N GLY A 539 -6.71 -23.61 6.04
CA GLY A 539 -6.16 -23.36 7.36
C GLY A 539 -7.17 -23.64 8.43
N SER A 540 -7.57 -22.62 9.18
CA SER A 540 -8.62 -22.78 10.16
C SER A 540 -9.71 -21.74 9.97
N ALA A 541 -10.96 -22.15 10.20
CA ALA A 541 -12.08 -21.23 10.17
C ALA A 541 -11.89 -20.16 11.22
N SER A 542 -11.33 -20.56 12.35
CA SER A 542 -11.30 -19.74 13.54
C SER A 542 -10.29 -18.62 13.35
N ALA A 543 -9.26 -18.87 12.56
CA ALA A 543 -8.34 -17.82 12.18
C ALA A 543 -9.08 -16.64 11.58
N TRP A 544 -10.07 -16.90 10.72
CA TRP A 544 -10.90 -15.84 10.14
C TRP A 544 -11.71 -15.08 11.16
N GLN A 545 -12.23 -15.80 12.15
CA GLN A 545 -12.99 -15.20 13.24
C GLN A 545 -12.13 -14.25 14.07
N ILE A 546 -10.89 -14.66 14.30
CA ILE A 546 -9.90 -13.83 15.01
C ILE A 546 -9.54 -12.60 14.15
N ALA A 547 -9.51 -12.76 12.85
CA ALA A 547 -9.19 -11.64 11.97
C ALA A 547 -10.35 -10.66 11.98
N ALA A 548 -11.56 -11.16 11.82
CA ALA A 548 -12.76 -10.32 11.78
C ALA A 548 -13.01 -9.56 13.07
N ALA A 549 -12.66 -10.16 14.21
CA ALA A 549 -12.91 -9.54 15.51
C ALA A 549 -11.85 -8.49 15.84
N ARG A 550 -10.74 -8.48 15.09
CA ARG A 550 -9.58 -7.68 15.43
C ARG A 550 -9.37 -6.53 14.47
N GLN A 551 -9.85 -5.35 14.86
CA GLN A 551 -9.51 -4.12 14.15
C GLN A 551 -8.02 -3.87 14.35
N ARG A 552 -7.31 -3.63 13.25
CA ARG A 552 -5.87 -3.32 13.34
C ARG A 552 -5.56 -2.10 14.19
N GLU A 553 -4.30 -2.00 14.59
CA GLU A 553 -3.86 -1.04 15.60
C GLU A 553 -3.94 0.41 15.10
N ALA A 554 -4.11 1.34 16.01
CA ALA A 554 -4.27 2.75 15.67
C ALA A 554 -2.91 3.39 15.38
N ARG A 555 -2.73 3.84 14.14
CA ARG A 555 -1.51 4.56 13.75
C ARG A 555 -1.48 5.96 14.32
N ASN A 556 -0.30 6.39 14.77
CA ASN A 556 -0.06 7.76 15.15
C ASN A 556 0.18 8.59 13.89
N THR A 557 -0.76 9.48 13.58
CA THR A 557 -0.61 10.43 12.47
C THR A 557 -1.35 11.72 12.83
N ALA A 558 -0.74 12.87 12.57
CA ALA A 558 -1.37 14.16 12.89
C ALA A 558 -1.82 14.91 11.62
N LEU A 559 -1.77 14.24 10.46
CA LEU A 559 -2.10 14.86 9.20
C LEU A 559 -3.49 15.50 9.25
N LEU A 560 -4.52 14.72 9.54
CA LEU A 560 -5.87 15.28 9.62
C LEU A 560 -5.88 16.51 10.52
N GLU A 561 -5.26 16.38 11.70
CA GLU A 561 -5.23 17.46 12.69
C GLU A 561 -4.56 18.72 12.14
N ARG A 562 -3.43 18.54 11.47
CA ARG A 562 -2.74 19.64 10.78
C ARG A 562 -3.57 20.29 9.68
N ILE A 563 -4.27 19.47 8.89
CA ILE A 563 -5.16 19.98 7.84
C ILE A 563 -6.22 20.88 8.45
N ARG A 564 -6.96 20.35 9.43
CA ARG A 564 -8.04 21.08 10.09
C ARG A 564 -7.54 22.33 10.82
N ALA A 565 -6.26 22.34 11.19
CA ALA A 565 -5.63 23.54 11.74
C ALA A 565 -5.51 24.61 10.66
N HIS A 566 -5.04 24.21 9.48
CA HIS A 566 -4.70 25.13 8.39
C HIS A 566 -5.86 25.91 7.80
N LEU A 567 -7.05 25.33 7.72
CA LEU A 567 -8.18 26.01 7.07
C LEU A 567 -9.33 26.40 8.00
N GLU A 568 -9.65 25.53 8.97
CA GLU A 568 -10.81 25.77 9.83
C GLU A 568 -10.54 26.95 10.72
N HIS A 569 -9.51 26.84 11.57
CA HIS A 569 -9.15 27.98 12.39
C HIS A 569 -7.98 28.70 11.71
N HIS A 570 -8.35 29.49 10.71
CA HIS A 570 -7.45 30.39 10.00
C HIS A 570 -8.24 31.62 9.54
N HIS A 571 -7.66 32.40 8.63
CA HIS A 571 -8.21 33.70 8.22
C HIS A 571 -8.02 34.70 9.35
#